data_5HII
#
_entry.id   5HII
#
_cell.length_a   51.729
_cell.length_b   120.450
_cell.length_c   130.941
_cell.angle_alpha   90.00
_cell.angle_beta   90.00
_cell.angle_gamma   90.00
#
_symmetry.space_group_name_H-M   'I 2 2 2'
#
loop_
_entity.id
_entity.type
_entity.pdbx_description
1 polymer 'Glycine sarcosine N-methyltransferase'
2 non-polymer 1,2-ETHANEDIOL
3 water water
#
_entity_poly.entity_id   1
_entity_poly.type   'polypeptide(L)'
_entity_poly.pdbx_seq_one_letter_code
;MGSSHHHHHHSSGLVPRGSHMMNQYGKQDFGDNPIEVRESDHYEEEYVLGFVDKWDELIDWESRAESEGDTIINILKERG
VKKVLDVATGTGFNSVRLLQAGFDVVSADGSAEMLVKAFDNARDHGYLMRTVQADWRWMNKDIHDKFDAIVCLGNSFTHL
FDEGDRRKALAEFYALLKHDGVLLLDQRNYDAILDDGYSSKHAHYYCGDTVSVYPEHVDEGLARFKYEFSDGSVYNLNMF
PLRKDYTRQLLHEVGFQEINTLGDFKETYKEDEPDFFLHVAEKN
;
_entity_poly.pdbx_strand_id   A
#
loop_
_chem_comp.id
_chem_comp.type
_chem_comp.name
_chem_comp.formula
EDO non-polymer 1,2-ETHANEDIOL 'C2 H6 O2'
#
# COMPACT_ATOMS: atom_id res chain seq x y z
N SER A 40 -16.84 13.74 -12.26
CA SER A 40 -15.60 14.09 -12.96
C SER A 40 -14.40 13.36 -12.36
N ASP A 41 -13.31 13.31 -13.12
CA ASP A 41 -12.06 12.76 -12.62
C ASP A 41 -11.60 13.57 -11.42
N HIS A 42 -11.86 14.87 -11.46
CA HIS A 42 -11.50 15.74 -10.35
C HIS A 42 -12.21 15.33 -9.07
N TYR A 43 -13.48 14.92 -9.18
CA TYR A 43 -14.21 14.54 -7.97
C TYR A 43 -13.74 13.22 -7.40
N GLU A 44 -13.48 12.24 -8.26
CA GLU A 44 -12.99 10.95 -7.78
C GLU A 44 -11.67 11.15 -7.03
N GLU A 45 -10.79 11.96 -7.60
CA GLU A 45 -9.55 12.29 -6.93
C GLU A 45 -9.80 13.08 -5.64
N GLU A 46 -10.66 14.10 -5.69
CA GLU A 46 -10.93 14.89 -4.49
C GLU A 46 -11.57 14.05 -3.38
N TYR A 47 -12.35 13.04 -3.77
CA TYR A 47 -13.03 12.18 -2.79
C TYR A 47 -12.01 11.37 -2.00
N VAL A 48 -11.07 10.78 -2.71
CA VAL A 48 -10.01 10.02 -2.04
C VAL A 48 -9.05 10.91 -1.25
N LEU A 49 -8.76 12.12 -1.77
CA LEU A 49 -7.94 13.06 -1.00
C LEU A 49 -8.64 13.45 0.31
N GLY A 50 -9.97 13.55 0.27
CA GLY A 50 -10.73 13.82 1.48
C GLY A 50 -10.63 12.67 2.45
N PHE A 51 -10.65 11.46 1.91
CA PHE A 51 -10.57 10.25 2.71
C PHE A 51 -9.23 10.15 3.45
N VAL A 52 -8.12 10.37 2.74
CA VAL A 52 -6.82 10.23 3.39
C VAL A 52 -6.60 11.39 4.36
N ASP A 53 -7.14 12.56 4.06
CA ASP A 53 -7.10 13.70 4.98
C ASP A 53 -7.75 13.31 6.30
N LYS A 54 -8.91 12.64 6.20
CA LYS A 54 -9.69 12.27 7.38
C LYS A 54 -8.96 11.21 8.20
N TRP A 55 -8.37 10.24 7.50
CA TRP A 55 -7.61 9.18 8.14
C TRP A 55 -6.47 9.79 8.98
N ASP A 56 -5.69 10.67 8.35
CA ASP A 56 -4.55 11.29 9.04
C ASP A 56 -5.00 12.27 10.11
N GLU A 57 -6.18 12.86 9.93
CA GLU A 57 -6.72 13.78 10.93
C GLU A 57 -6.99 13.05 12.24
N LEU A 58 -7.51 11.84 12.15
CA LEU A 58 -8.00 11.13 13.34
C LEU A 58 -7.06 10.04 13.84
N ILE A 59 -6.12 9.62 13.00
CA ILE A 59 -5.18 8.57 13.36
C ILE A 59 -3.75 9.12 13.27
N ASP A 60 -3.17 9.47 14.41
CA ASP A 60 -1.85 10.11 14.39
C ASP A 60 -0.76 9.07 14.13
N TRP A 61 0.30 9.52 13.45
CA TRP A 61 1.29 8.60 12.93
C TRP A 61 2.14 7.91 14.01
N GLU A 62 2.34 8.58 15.14
CA GLU A 62 3.13 7.97 16.21
C GLU A 62 2.37 6.77 16.78
N SER A 63 1.10 6.96 17.12
CA SER A 63 0.24 5.87 17.59
C SER A 63 0.22 4.73 16.57
N ARG A 64 0.16 5.11 15.30
CA ARG A 64 0.08 4.12 14.24
C ARG A 64 1.37 3.31 14.08
N ALA A 65 2.51 4.00 14.14
CA ALA A 65 3.81 3.36 14.06
C ALA A 65 4.03 2.38 15.22
N GLU A 66 3.67 2.79 16.43
CA GLU A 66 3.89 1.93 17.58
C GLU A 66 2.98 0.72 17.50
N SER A 67 1.80 0.92 16.91
CA SER A 67 0.83 -0.15 16.74
C SER A 67 1.24 -1.13 15.64
N GLU A 68 1.67 -0.62 14.51
CA GLU A 68 1.97 -1.46 13.35
C GLU A 68 3.28 -2.25 13.48
N GLY A 69 4.24 -1.71 14.23
CA GLY A 69 5.47 -2.43 14.48
C GLY A 69 6.49 -2.34 13.35
N ASP A 70 7.56 -3.11 13.46
CA ASP A 70 8.75 -2.93 12.62
C ASP A 70 9.10 -4.11 11.70
N THR A 71 8.14 -5.00 11.45
CA THR A 71 8.40 -6.19 10.64
C THR A 71 8.93 -5.84 9.24
N ILE A 72 8.29 -4.87 8.58
CA ILE A 72 8.73 -4.44 7.25
C ILE A 72 10.14 -3.87 7.29
N ILE A 73 10.40 -2.96 8.22
CA ILE A 73 11.73 -2.38 8.38
C ILE A 73 12.78 -3.47 8.59
N ASN A 74 12.48 -4.45 9.43
CA ASN A 74 13.43 -5.51 9.74
C ASN A 74 13.67 -6.43 8.56
N ILE A 75 12.63 -6.73 7.80
CA ILE A 75 12.77 -7.49 6.57
C ILE A 75 13.78 -6.83 5.63
N LEU A 76 13.62 -5.53 5.44
CA LEU A 76 14.54 -4.76 4.59
C LEU A 76 15.94 -4.73 5.21
N LYS A 77 16.02 -4.53 6.52
CA LYS A 77 17.32 -4.47 7.18
C LYS A 77 18.08 -5.79 7.04
N GLU A 78 17.39 -6.91 7.25
CA GLU A 78 18.03 -8.22 7.21
C GLU A 78 18.58 -8.53 5.81
N ARG A 79 17.97 -7.92 4.79
CA ARG A 79 18.40 -8.11 3.41
C ARG A 79 19.53 -7.15 3.03
N GLY A 80 19.82 -6.19 3.91
CA GLY A 80 20.86 -5.21 3.63
C GLY A 80 20.40 -4.16 2.63
N VAL A 81 19.09 -3.93 2.59
CA VAL A 81 18.52 -2.92 1.72
C VAL A 81 19.00 -1.51 2.09
N LYS A 82 19.36 -0.72 1.09
CA LYS A 82 19.66 0.69 1.30
C LYS A 82 18.71 1.60 0.54
N LYS A 83 18.56 1.35 -0.77
CA LYS A 83 17.71 2.19 -1.63
C LYS A 83 16.31 1.62 -1.78
N VAL A 84 15.31 2.41 -1.43
CA VAL A 84 13.91 2.00 -1.50
C VAL A 84 13.08 2.94 -2.36
N LEU A 85 12.27 2.37 -3.25
CA LEU A 85 11.28 3.13 -4.01
C LEU A 85 9.89 2.82 -3.46
N ASP A 86 9.20 3.85 -3.00
CA ASP A 86 7.80 3.74 -2.57
C ASP A 86 6.94 4.07 -3.79
N VAL A 87 6.19 3.10 -4.31
CA VAL A 87 5.39 3.37 -5.49
C VAL A 87 3.94 3.75 -5.17
N ALA A 88 3.60 3.80 -3.88
CA ALA A 88 2.25 4.15 -3.46
C ALA A 88 2.34 5.07 -2.24
N THR A 89 3.04 6.18 -2.41
CA THR A 89 3.38 7.05 -1.28
C THR A 89 2.15 7.53 -0.49
N GLY A 90 1.08 7.90 -1.20
CA GLY A 90 -0.10 8.42 -0.52
C GLY A 90 0.29 9.66 0.26
N THR A 91 -0.19 9.79 1.51
CA THR A 91 0.19 10.95 2.33
C THR A 91 1.53 10.76 3.06
N GLY A 92 2.22 9.67 2.76
CA GLY A 92 3.65 9.55 3.11
C GLY A 92 4.02 8.72 4.33
N PHE A 93 3.06 8.06 4.98
CA PHE A 93 3.36 7.38 6.24
C PHE A 93 4.49 6.34 6.08
N ASN A 94 4.37 5.48 5.08
CA ASN A 94 5.39 4.45 4.88
C ASN A 94 6.74 5.04 4.45
N SER A 95 6.73 6.04 3.59
CA SER A 95 7.97 6.70 3.18
C SER A 95 8.67 7.35 4.36
N VAL A 96 7.90 8.07 5.18
CA VAL A 96 8.49 8.76 6.34
C VAL A 96 9.06 7.75 7.34
N ARG A 97 8.31 6.67 7.61
CA ARG A 97 8.83 5.60 8.48
C ARG A 97 10.15 5.05 7.94
N LEU A 98 10.26 4.86 6.63
CA LEU A 98 11.51 4.33 6.05
C LEU A 98 12.64 5.36 6.12
N LEU A 99 12.32 6.63 5.88
CA LEU A 99 13.31 7.69 6.05
C LEU A 99 13.80 7.75 7.50
N GLN A 100 12.88 7.66 8.44
CA GLN A 100 13.24 7.63 9.86
C GLN A 100 14.15 6.46 10.20
N ALA A 101 13.97 5.35 9.48
CA ALA A 101 14.72 4.14 9.75
C ALA A 101 16.11 4.19 9.10
N GLY A 102 16.34 5.20 8.28
CA GLY A 102 17.66 5.42 7.70
C GLY A 102 17.82 4.98 6.25
N PHE A 103 16.73 4.58 5.60
CA PHE A 103 16.80 4.18 4.20
C PHE A 103 16.86 5.39 3.30
N ASP A 104 17.47 5.23 2.13
CA ASP A 104 17.38 6.22 1.06
C ASP A 104 16.09 5.94 0.31
N VAL A 105 15.16 6.88 0.35
CA VAL A 105 13.82 6.61 -0.17
C VAL A 105 13.46 7.56 -1.30
N VAL A 106 12.94 6.99 -2.40
CA VAL A 106 12.31 7.81 -3.43
C VAL A 106 10.80 7.59 -3.32
N SER A 107 10.04 8.68 -3.31
CA SER A 107 8.62 8.58 -3.01
C SER A 107 7.76 8.90 -4.23
N ALA A 108 7.26 7.86 -4.89
CA ALA A 108 6.43 8.05 -6.08
C ALA A 108 4.94 7.89 -5.77
N ASP A 109 4.11 8.53 -6.58
CA ASP A 109 2.65 8.38 -6.53
C ASP A 109 2.07 8.85 -7.85
N GLY A 110 0.95 8.28 -8.28
CA GLY A 110 0.27 8.78 -9.46
C GLY A 110 -0.29 10.19 -9.29
N SER A 111 -0.52 10.60 -8.05
CA SER A 111 -1.23 11.84 -7.74
C SER A 111 -0.31 12.95 -7.26
N ALA A 112 -0.26 14.07 -7.97
CA ALA A 112 0.51 15.23 -7.53
C ALA A 112 0.03 15.73 -6.18
N GLU A 113 -1.27 15.71 -5.96
CA GLU A 113 -1.86 16.24 -4.75
C GLU A 113 -1.51 15.36 -3.55
N MET A 114 -1.47 14.05 -3.74
CA MET A 114 -0.99 13.15 -2.70
C MET A 114 0.45 13.53 -2.31
N LEU A 115 1.30 13.70 -3.31
CA LEU A 115 2.72 13.94 -3.08
C LEU A 115 2.94 15.25 -2.33
N VAL A 116 2.11 16.25 -2.60
CA VAL A 116 2.20 17.51 -1.87
C VAL A 116 1.92 17.26 -0.38
N LYS A 117 0.87 16.49 -0.09
CA LYS A 117 0.57 16.14 1.30
C LYS A 117 1.72 15.35 1.92
N ALA A 118 2.27 14.41 1.16
CA ALA A 118 3.35 13.56 1.68
C ALA A 118 4.60 14.38 1.96
N PHE A 119 4.94 15.27 1.05
CA PHE A 119 6.13 16.12 1.24
C PHE A 119 6.00 16.97 2.49
N ASP A 120 4.83 17.57 2.69
CA ASP A 120 4.65 18.47 3.81
C ASP A 120 4.59 17.66 5.11
N ASN A 121 4.06 16.43 5.05
CA ASN A 121 4.08 15.57 6.24
C ASN A 121 5.52 15.16 6.62
N ALA A 122 6.33 14.85 5.61
CA ALA A 122 7.74 14.53 5.84
C ALA A 122 8.46 15.73 6.44
N ARG A 123 8.20 16.89 5.87
CA ARG A 123 8.75 18.14 6.34
C ARG A 123 8.42 18.35 7.81
N ASP A 124 7.16 18.11 8.15
CA ASP A 124 6.70 18.30 9.53
C ASP A 124 7.41 17.33 10.49
N HIS A 125 7.86 16.20 9.97
CA HIS A 125 8.58 15.22 10.79
C HIS A 125 10.09 15.39 10.70
N GLY A 126 10.54 16.41 9.97
CA GLY A 126 11.95 16.74 9.92
C GLY A 126 12.74 16.06 8.81
N TYR A 127 12.05 15.58 7.78
CA TYR A 127 12.73 14.96 6.64
C TYR A 127 12.39 15.63 5.32
N LEU A 128 13.36 15.65 4.42
CA LEU A 128 13.16 16.10 3.05
C LEU A 128 12.78 14.89 2.21
N MET A 129 11.56 14.87 1.70
CA MET A 129 11.11 13.79 0.85
C MET A 129 11.55 14.05 -0.58
N ARG A 130 11.85 12.98 -1.32
CA ARG A 130 12.10 13.10 -2.76
C ARG A 130 10.89 12.57 -3.50
N THR A 131 10.03 13.48 -3.94
CA THR A 131 8.78 13.08 -4.59
C THR A 131 8.94 12.98 -6.10
N VAL A 132 8.23 12.03 -6.70
CA VAL A 132 8.17 11.97 -8.16
C VAL A 132 6.78 11.49 -8.57
N GLN A 133 6.10 12.28 -9.40
CA GLN A 133 4.81 11.84 -9.91
C GLN A 133 5.03 10.81 -11.02
N ALA A 134 4.40 9.65 -10.91
CA ALA A 134 4.62 8.56 -11.86
C ALA A 134 3.43 7.63 -11.94
N ASP A 135 3.11 7.20 -13.16
CA ASP A 135 2.07 6.22 -13.40
C ASP A 135 2.69 4.83 -13.37
N TRP A 136 2.04 3.88 -12.71
CA TRP A 136 2.56 2.50 -12.67
C TRP A 136 2.80 1.87 -14.04
N ARG A 137 2.11 2.34 -15.08
CA ARG A 137 2.26 1.74 -16.39
C ARG A 137 3.50 2.22 -17.13
N TRP A 138 4.15 3.24 -16.61
CA TRP A 138 5.40 3.74 -17.19
C TRP A 138 6.23 4.32 -16.06
N MET A 139 6.70 3.44 -15.18
CA MET A 139 7.36 3.88 -13.94
C MET A 139 8.75 4.42 -14.17
N ASN A 140 9.40 4.02 -15.25
CA ASN A 140 10.77 4.48 -15.45
C ASN A 140 10.85 5.64 -16.41
N LYS A 141 9.71 6.29 -16.65
CA LYS A 141 9.68 7.51 -17.44
C LYS A 141 10.55 8.58 -16.78
N ASP A 142 10.39 8.76 -15.47
CA ASP A 142 11.16 9.78 -14.78
C ASP A 142 11.93 9.22 -13.60
N ILE A 143 11.98 7.90 -13.50
CA ILE A 143 12.80 7.27 -12.49
C ILE A 143 13.91 6.47 -13.17
N HIS A 144 15.14 6.93 -12.98
CA HIS A 144 16.27 6.46 -13.78
C HIS A 144 17.28 5.63 -12.99
N ASP A 145 16.95 5.33 -11.73
CA ASP A 145 17.82 4.54 -10.87
C ASP A 145 17.24 3.12 -10.75
N LYS A 146 17.98 2.22 -10.12
CA LYS A 146 17.40 0.93 -9.75
C LYS A 146 17.50 0.78 -8.24
N PHE A 147 16.63 -0.06 -7.67
CA PHE A 147 16.46 -0.07 -6.22
C PHE A 147 16.67 -1.44 -5.61
N ASP A 148 17.05 -1.43 -4.34
CA ASP A 148 17.16 -2.66 -3.54
C ASP A 148 15.79 -3.21 -3.20
N ALA A 149 14.81 -2.33 -3.04
CA ALA A 149 13.47 -2.77 -2.66
C ALA A 149 12.45 -1.79 -3.19
N ILE A 150 11.28 -2.32 -3.51
CA ILE A 150 10.11 -1.49 -3.79
C ILE A 150 9.03 -1.80 -2.77
N VAL A 151 8.37 -0.78 -2.23
CA VAL A 151 7.23 -1.03 -1.37
C VAL A 151 5.96 -0.52 -2.06
N CYS A 152 4.97 -1.40 -2.12
CA CYS A 152 3.67 -1.08 -2.69
C CYS A 152 2.64 -1.44 -1.63
N LEU A 153 2.48 -0.56 -0.64
CA LEU A 153 1.69 -0.89 0.53
C LEU A 153 0.37 -0.12 0.55
N GLY A 154 -0.32 -0.13 1.69
CA GLY A 154 -1.59 0.56 1.81
C GLY A 154 -2.73 -0.07 1.01
N ASN A 155 -2.57 -1.33 0.63
CA ASN A 155 -3.61 -2.03 -0.13
C ASN A 155 -3.86 -1.35 -1.46
N SER A 156 -2.82 -0.76 -2.04
CA SER A 156 -3.01 0.07 -3.23
C SER A 156 -3.13 -0.74 -4.52
N PHE A 157 -2.53 -1.93 -4.55
CA PHE A 157 -2.51 -2.70 -5.80
C PHE A 157 -3.94 -3.09 -6.19
N THR A 158 -4.83 -3.16 -5.20
CA THR A 158 -6.25 -3.45 -5.47
C THR A 158 -7.02 -2.37 -6.24
N HIS A 159 -6.42 -1.19 -6.43
CA HIS A 159 -7.17 -0.13 -7.10
C HIS A 159 -7.25 -0.38 -8.61
N LEU A 160 -6.47 -1.34 -9.12
CA LEU A 160 -6.51 -1.70 -10.54
C LEU A 160 -7.64 -2.67 -10.85
N PHE A 161 -8.49 -2.34 -11.81
CA PHE A 161 -9.58 -3.24 -12.18
C PHE A 161 -9.33 -3.94 -13.52
N ASP A 162 -8.17 -3.68 -14.11
CA ASP A 162 -7.83 -4.31 -15.38
C ASP A 162 -6.60 -5.20 -15.25
N GLU A 163 -6.70 -6.45 -15.74
CA GLU A 163 -5.62 -7.40 -15.56
C GLU A 163 -4.37 -6.98 -16.33
N GLY A 164 -4.56 -6.43 -17.53
CA GLY A 164 -3.43 -5.91 -18.29
C GLY A 164 -2.65 -4.87 -17.50
N ASP A 165 -3.38 -3.98 -16.81
CA ASP A 165 -2.76 -2.98 -15.95
C ASP A 165 -2.00 -3.63 -14.80
N ARG A 166 -2.53 -4.70 -14.22
CA ARG A 166 -1.84 -5.40 -13.13
C ARG A 166 -0.49 -5.95 -13.60
N ARG A 167 -0.49 -6.65 -14.73
CA ARG A 167 0.74 -7.22 -15.27
C ARG A 167 1.70 -6.11 -15.61
N LYS A 168 1.19 -5.04 -16.21
CA LYS A 168 2.05 -3.93 -16.63
C LYS A 168 2.72 -3.27 -15.43
N ALA A 169 1.94 -3.02 -14.39
CA ALA A 169 2.47 -2.41 -13.18
C ALA A 169 3.55 -3.30 -12.56
N LEU A 170 3.28 -4.59 -12.44
CA LEU A 170 4.23 -5.50 -11.80
C LEU A 170 5.52 -5.57 -12.62
N ALA A 171 5.39 -5.53 -13.94
CA ALA A 171 6.55 -5.58 -14.82
C ALA A 171 7.40 -4.32 -14.66
N GLU A 172 6.74 -3.18 -14.49
CA GLU A 172 7.47 -1.93 -14.31
C GLU A 172 8.24 -1.96 -13.01
N PHE A 173 7.61 -2.50 -11.96
CA PHE A 173 8.26 -2.65 -10.66
C PHE A 173 9.46 -3.57 -10.78
N TYR A 174 9.25 -4.69 -11.45
CA TYR A 174 10.30 -5.69 -11.66
C TYR A 174 11.54 -5.06 -12.30
N ALA A 175 11.32 -4.27 -13.36
CA ALA A 175 12.41 -3.66 -14.11
C ALA A 175 13.19 -2.65 -13.28
N LEU A 176 12.54 -2.06 -12.28
CA LEU A 176 13.17 -1.03 -11.46
C LEU A 176 13.98 -1.62 -10.31
N LEU A 177 13.89 -2.93 -10.14
CA LEU A 177 14.65 -3.59 -9.08
C LEU A 177 16.01 -4.04 -9.57
N LYS A 178 17.01 -3.86 -8.70
CA LYS A 178 18.32 -4.45 -8.91
C LYS A 178 18.17 -5.97 -8.94
N HIS A 179 19.15 -6.65 -9.52
CA HIS A 179 19.11 -8.10 -9.72
C HIS A 179 18.69 -8.86 -8.47
N ASP A 180 19.19 -8.44 -7.32
CA ASP A 180 18.89 -9.10 -6.05
C ASP A 180 17.87 -8.36 -5.20
N GLY A 181 17.03 -7.55 -5.84
CA GLY A 181 16.06 -6.72 -5.16
C GLY A 181 14.79 -7.43 -4.75
N VAL A 182 13.94 -6.75 -4.00
CA VAL A 182 12.72 -7.36 -3.51
C VAL A 182 11.54 -6.40 -3.63
N LEU A 183 10.36 -6.94 -3.94
CA LEU A 183 9.11 -6.19 -3.90
C LEU A 183 8.26 -6.59 -2.70
N LEU A 184 7.84 -5.61 -1.92
CA LEU A 184 6.91 -5.85 -0.81
C LEU A 184 5.57 -5.26 -1.22
N LEU A 185 4.56 -6.10 -1.32
CA LEU A 185 3.29 -5.64 -1.86
C LEU A 185 2.19 -6.21 -0.99
N ASP A 186 1.32 -5.36 -0.45
CA ASP A 186 0.34 -5.89 0.49
C ASP A 186 -1.07 -5.81 -0.07
N GLN A 187 -2.01 -6.40 0.64
CA GLN A 187 -3.41 -6.39 0.20
C GLN A 187 -4.29 -6.84 1.35
N ARG A 188 -5.55 -6.42 1.33
CA ARG A 188 -6.54 -7.00 2.24
C ARG A 188 -6.73 -8.47 1.90
N ASN A 189 -7.20 -9.23 2.88
CA ASN A 189 -7.60 -10.62 2.69
C ASN A 189 -9.02 -10.68 2.15
N TYR A 190 -9.16 -10.84 0.83
CA TYR A 190 -10.48 -10.94 0.23
C TYR A 190 -11.00 -12.39 0.18
N ASP A 191 -10.09 -13.34 0.33
CA ASP A 191 -10.47 -14.76 0.31
C ASP A 191 -11.49 -15.06 1.42
N ALA A 192 -11.25 -14.50 2.60
CA ALA A 192 -12.15 -14.70 3.73
C ALA A 192 -13.55 -14.20 3.45
N ILE A 193 -13.64 -13.09 2.71
CA ILE A 193 -14.93 -12.49 2.37
C ILE A 193 -15.61 -13.26 1.24
N LEU A 194 -14.84 -13.64 0.23
CA LEU A 194 -15.37 -14.31 -0.94
C LEU A 194 -15.84 -15.74 -0.65
N ASP A 195 -15.25 -16.38 0.36
CA ASP A 195 -15.55 -17.79 0.60
C ASP A 195 -16.51 -18.03 1.78
N SER A 200 -16.09 -12.26 6.56
CA SER A 200 -17.48 -12.27 6.11
C SER A 200 -18.14 -10.91 6.31
N LYS A 201 -19.45 -10.91 6.58
CA LYS A 201 -20.25 -9.68 6.61
C LYS A 201 -20.31 -9.03 7.99
N HIS A 202 -19.19 -8.46 8.42
CA HIS A 202 -19.16 -7.68 9.66
C HIS A 202 -18.06 -6.63 9.49
N ALA A 203 -18.03 -5.62 10.34
CA ALA A 203 -17.05 -4.55 10.20
C ALA A 203 -15.68 -4.91 10.81
N HIS A 204 -14.63 -4.36 10.22
CA HIS A 204 -13.28 -4.40 10.77
C HIS A 204 -12.90 -3.02 11.27
N TYR A 205 -12.33 -2.96 12.47
CA TYR A 205 -11.97 -1.69 13.08
C TYR A 205 -10.47 -1.47 13.08
N TYR A 206 -10.04 -0.22 12.96
CA TYR A 206 -8.62 0.14 12.96
C TYR A 206 -8.34 1.30 13.91
N CYS A 207 -7.19 1.24 14.58
CA CYS A 207 -6.80 2.21 15.61
C CYS A 207 -7.89 2.30 16.69
N GLY A 208 -7.99 1.25 17.49
CA GLY A 208 -9.11 1.12 18.41
C GLY A 208 -10.38 1.15 17.57
N ASP A 209 -11.27 2.09 17.87
CA ASP A 209 -12.52 2.21 17.14
C ASP A 209 -12.57 3.48 16.29
N THR A 210 -11.40 4.01 15.93
CA THR A 210 -11.38 5.28 15.20
C THR A 210 -12.04 5.16 13.84
N VAL A 211 -11.89 4.00 13.19
CA VAL A 211 -12.54 3.80 11.91
C VAL A 211 -13.02 2.35 11.77
N SER A 212 -14.21 2.19 11.21
CA SER A 212 -14.71 0.86 10.91
C SER A 212 -14.79 0.70 9.39
N VAL A 213 -14.57 -0.52 8.93
CA VAL A 213 -14.51 -0.83 7.52
C VAL A 213 -15.44 -2.01 7.26
N TYR A 214 -16.50 -1.76 6.51
CA TYR A 214 -17.59 -2.72 6.33
C TYR A 214 -17.78 -3.08 4.86
N PRO A 215 -17.77 -4.38 4.53
CA PRO A 215 -17.94 -4.75 3.12
C PRO A 215 -19.39 -4.67 2.69
N GLU A 216 -19.73 -3.59 1.98
CA GLU A 216 -21.10 -3.34 1.55
C GLU A 216 -21.51 -4.23 0.41
N HIS A 217 -20.56 -4.46 -0.49
CA HIS A 217 -20.79 -5.31 -1.65
C HIS A 217 -19.52 -6.06 -2.00
N VAL A 218 -19.62 -7.36 -2.16
CA VAL A 218 -18.44 -8.11 -2.60
C VAL A 218 -18.84 -9.22 -3.58
N ASP A 219 -18.27 -9.19 -4.77
CA ASP A 219 -18.34 -10.33 -5.68
C ASP A 219 -16.94 -10.54 -6.24
N GLU A 220 -16.76 -11.49 -7.15
CA GLU A 220 -15.40 -11.82 -7.59
C GLU A 220 -14.73 -10.67 -8.36
N GLY A 221 -15.51 -9.69 -8.80
CA GLY A 221 -14.96 -8.58 -9.58
C GLY A 221 -14.92 -7.24 -8.87
N LEU A 222 -15.52 -7.15 -7.68
CA LEU A 222 -15.64 -5.84 -7.01
C LEU A 222 -15.90 -5.95 -5.52
N ALA A 223 -15.18 -5.15 -4.74
CA ALA A 223 -15.50 -4.98 -3.34
C ALA A 223 -15.68 -3.49 -3.06
N ARG A 224 -16.84 -3.12 -2.53
CA ARG A 224 -17.05 -1.75 -2.05
C ARG A 224 -17.12 -1.76 -0.53
N PHE A 225 -16.22 -1.01 0.11
CA PHE A 225 -16.20 -0.90 1.56
C PHE A 225 -16.72 0.46 2.02
N LYS A 226 -17.49 0.42 3.09
CA LYS A 226 -17.92 1.60 3.81
C LYS A 226 -16.92 1.87 4.93
N TYR A 227 -16.29 3.04 4.87
CA TYR A 227 -15.40 3.51 5.93
C TYR A 227 -16.13 4.55 6.77
N GLU A 228 -16.34 4.24 8.06
CA GLU A 228 -17.00 5.18 8.95
C GLU A 228 -16.07 5.58 10.10
N PHE A 229 -15.80 6.87 10.23
CA PHE A 229 -14.89 7.35 11.26
C PHE A 229 -15.62 7.75 12.54
N SER A 230 -14.85 7.85 13.62
CA SER A 230 -15.42 8.18 14.93
C SER A 230 -16.13 9.52 14.98
N ASP A 231 -15.85 10.40 14.01
CA ASP A 231 -16.50 11.71 14.02
C ASP A 231 -17.76 11.73 13.14
N GLY A 232 -18.14 10.57 12.62
CA GLY A 232 -19.34 10.46 11.81
C GLY A 232 -19.09 10.48 10.31
N SER A 233 -17.86 10.79 9.91
CA SER A 233 -17.54 10.86 8.49
C SER A 233 -17.66 9.49 7.84
N VAL A 234 -18.23 9.44 6.63
CA VAL A 234 -18.34 8.20 5.89
C VAL A 234 -17.81 8.34 4.48
N TYR A 235 -16.99 7.38 4.06
CA TYR A 235 -16.45 7.29 2.71
C TYR A 235 -16.70 5.90 2.18
N ASN A 236 -17.08 5.78 0.91
CA ASN A 236 -17.25 4.47 0.30
C ASN A 236 -16.25 4.30 -0.83
N LEU A 237 -15.43 3.25 -0.77
CA LEU A 237 -14.37 3.04 -1.75
C LEU A 237 -14.47 1.69 -2.45
N ASN A 238 -14.21 1.69 -3.76
CA ASN A 238 -14.18 0.47 -4.56
C ASN A 238 -12.77 -0.10 -4.69
N MET A 239 -12.65 -1.41 -4.69
CA MET A 239 -11.37 -2.04 -4.97
C MET A 239 -11.59 -3.42 -5.56
N PHE A 240 -10.56 -3.95 -6.20
CA PHE A 240 -10.67 -5.26 -6.80
C PHE A 240 -10.27 -6.30 -5.77
N PRO A 241 -11.16 -7.28 -5.50
CA PRO A 241 -10.91 -8.25 -4.44
C PRO A 241 -9.93 -9.35 -4.84
N LEU A 242 -8.64 -9.02 -4.90
CA LEU A 242 -7.59 -9.97 -5.24
C LEU A 242 -7.55 -11.19 -4.35
N ARG A 243 -7.68 -12.38 -4.92
CA ARG A 243 -7.41 -13.58 -4.14
C ARG A 243 -5.91 -13.70 -3.91
N LYS A 244 -5.54 -14.19 -2.73
CA LYS A 244 -4.14 -14.33 -2.36
C LYS A 244 -3.34 -15.08 -3.43
N ASP A 245 -3.87 -16.21 -3.89
CA ASP A 245 -3.16 -17.03 -4.86
C ASP A 245 -3.12 -16.38 -6.24
N TYR A 246 -4.10 -15.53 -6.55
CA TYR A 246 -4.11 -14.81 -7.81
C TYR A 246 -2.99 -13.79 -7.86
N THR A 247 -2.82 -13.02 -6.78
CA THR A 247 -1.72 -12.06 -6.73
C THR A 247 -0.38 -12.77 -6.82
N ARG A 248 -0.25 -13.89 -6.11
CA ARG A 248 0.98 -14.68 -6.15
C ARG A 248 1.26 -15.16 -7.57
N GLN A 249 0.20 -15.57 -8.25
CA GLN A 249 0.35 -16.08 -9.62
C GLN A 249 0.79 -14.95 -10.58
N LEU A 250 0.21 -13.76 -10.44
CA LEU A 250 0.63 -12.61 -11.26
C LEU A 250 2.11 -12.30 -11.04
N LEU A 251 2.56 -12.33 -9.79
CA LEU A 251 3.95 -12.04 -9.47
C LEU A 251 4.90 -13.07 -10.10
N HIS A 252 4.53 -14.34 -9.97
CA HIS A 252 5.31 -15.41 -10.58
C HIS A 252 5.34 -15.22 -12.08
N GLU A 253 4.20 -14.84 -12.66
CA GLU A 253 4.11 -14.80 -14.12
C GLU A 253 4.91 -13.67 -14.77
N VAL A 254 5.15 -12.56 -14.06
CA VAL A 254 5.93 -11.47 -14.63
C VAL A 254 7.42 -11.66 -14.39
N GLY A 255 7.81 -12.67 -13.61
CA GLY A 255 9.23 -13.02 -13.47
C GLY A 255 9.82 -13.13 -12.07
N PHE A 256 9.06 -12.79 -11.03
CA PHE A 256 9.57 -12.94 -9.66
C PHE A 256 9.79 -14.41 -9.32
N GLN A 257 10.87 -14.71 -8.60
CA GLN A 257 11.36 -16.09 -8.49
C GLN A 257 10.95 -16.83 -7.22
N GLU A 258 10.78 -16.09 -6.13
CA GLU A 258 10.30 -16.68 -4.89
C GLU A 258 9.41 -15.70 -4.17
N ILE A 259 8.22 -16.15 -3.81
CA ILE A 259 7.25 -15.29 -3.16
C ILE A 259 6.83 -15.90 -1.83
N ASN A 260 7.09 -15.17 -0.75
CA ASN A 260 6.61 -15.59 0.55
C ASN A 260 5.49 -14.66 0.97
N THR A 261 4.31 -15.24 1.22
CA THR A 261 3.16 -14.42 1.60
C THR A 261 2.91 -14.60 3.09
N LEU A 262 2.91 -13.48 3.81
CA LEU A 262 2.75 -13.47 5.25
C LEU A 262 1.36 -12.96 5.62
N GLY A 263 0.75 -13.58 6.63
CA GLY A 263 -0.50 -13.08 7.14
C GLY A 263 -0.21 -11.91 8.07
N ASP A 264 -1.00 -10.86 7.98
CA ASP A 264 -0.79 -9.72 8.86
C ASP A 264 -2.09 -9.34 9.53
N PHE A 265 -2.08 -9.34 10.87
CA PHE A 265 -3.26 -9.01 11.65
C PHE A 265 -3.21 -7.57 12.10
N LYS A 266 -3.97 -6.72 11.42
CA LYS A 266 -3.93 -5.29 11.67
C LYS A 266 -5.14 -4.78 12.44
N GLU A 267 -6.28 -5.44 12.28
CA GLU A 267 -7.54 -4.90 12.81
C GLU A 267 -7.59 -5.00 14.34
N THR A 268 -8.46 -4.21 14.94
CA THR A 268 -8.54 -4.10 16.39
C THR A 268 -9.05 -5.37 17.05
N TYR A 269 -10.04 -6.01 16.44
CA TYR A 269 -10.65 -7.20 17.03
C TYR A 269 -10.25 -8.40 16.18
N LYS A 270 -9.22 -9.11 16.61
CA LYS A 270 -8.59 -10.13 15.78
C LYS A 270 -9.50 -11.34 15.56
N GLU A 271 -9.37 -11.95 14.38
CA GLU A 271 -10.06 -13.19 14.04
C GLU A 271 -9.03 -14.28 13.72
N ASP A 272 -9.50 -15.49 13.43
CA ASP A 272 -8.60 -16.57 13.05
C ASP A 272 -7.84 -16.24 11.77
N GLU A 273 -8.54 -15.59 10.83
CA GLU A 273 -7.93 -15.18 9.56
C GLU A 273 -7.36 -13.76 9.64
N PRO A 274 -6.18 -13.54 9.01
CA PRO A 274 -5.60 -12.20 8.97
C PRO A 274 -6.43 -11.27 8.09
N ASP A 275 -6.45 -9.98 8.39
CA ASP A 275 -7.22 -9.07 7.54
C ASP A 275 -6.36 -8.56 6.37
N PHE A 276 -5.05 -8.76 6.45
CA PHE A 276 -4.12 -8.38 5.37
C PHE A 276 -3.13 -9.50 5.03
N PHE A 277 -2.60 -9.44 3.80
CA PHE A 277 -1.44 -10.25 3.41
C PHE A 277 -0.30 -9.35 2.98
N LEU A 278 0.92 -9.77 3.28
CA LEU A 278 2.10 -9.12 2.73
C LEU A 278 2.86 -10.10 1.85
N HIS A 279 2.97 -9.79 0.56
CA HIS A 279 3.78 -10.59 -0.34
C HIS A 279 5.21 -10.06 -0.37
N VAL A 280 6.16 -10.96 -0.13
CA VAL A 280 7.58 -10.62 -0.23
C VAL A 280 8.13 -11.34 -1.45
N ALA A 281 8.28 -10.62 -2.55
CA ALA A 281 8.63 -11.23 -3.82
C ALA A 281 10.06 -10.90 -4.21
N GLU A 282 10.92 -11.91 -4.25
CA GLU A 282 12.30 -11.69 -4.62
C GLU A 282 12.46 -11.77 -6.13
N LYS A 283 13.22 -10.83 -6.68
CA LYS A 283 13.46 -10.81 -8.13
C LYS A 283 14.32 -11.98 -8.62
N ASN A 284 15.49 -12.16 -8.00
CA ASN A 284 16.51 -13.12 -8.48
C ASN A 284 16.85 -13.05 -9.98
C1 EDO B . 1.27 13.68 9.47
O1 EDO B . 1.40 13.82 10.85
C2 EDO B . -0.09 13.16 9.17
O2 EDO B . -1.03 14.09 9.54
C1 EDO C . -10.67 -7.19 5.92
O1 EDO C . -9.54 -6.64 5.35
C2 EDO C . -11.14 -8.35 5.10
O2 EDO C . -10.29 -9.42 5.28
C1 EDO D . -6.32 5.39 -0.04
O1 EDO D . -5.85 5.65 -1.32
C2 EDO D . -6.99 4.05 -0.02
O2 EDO D . -6.07 3.09 0.37
C1 EDO E . 6.91 0.03 7.07
O1 EDO E . 7.94 0.24 7.98
C2 EDO E . 6.53 1.36 6.54
O2 EDO E . 5.68 1.95 7.44
C1 EDO F . -16.49 -2.24 18.58
O1 EDO F . -16.27 -1.39 19.64
C2 EDO F . -17.88 -2.79 18.69
O2 EDO F . -17.82 -4.10 19.15
C1 EDO G . 5.88 9.10 13.20
O1 EDO G . 7.10 9.51 13.68
C2 EDO G . 6.07 8.03 12.18
O2 EDO G . 6.99 7.10 12.64
#